data_7O4N
#
_entry.id   7O4N
#
_cell.length_a   59.635
_cell.length_b   61.309
_cell.length_c   63.275
_cell.angle_alpha   90.000
_cell.angle_beta   90.000
_cell.angle_gamma   90.000
#
_symmetry.space_group_name_H-M   'P 21 21 21'
#
loop_
_entity.id
_entity.type
_entity.pdbx_description
1 polymer 'tRNA (Adenine(22)-N(1))-methyltransferase'
2 non-polymer S-ADENOSYLMETHIONINE
3 non-polymer GLYCEROL
4 water water
#
_entity_poly.entity_id   1
_entity_poly.type   'polypeptide(L)'
_entity_poly.pdbx_seq_one_letter_code
;GMISLNNRLTTVSRFLKQGTIADIGSDHAYLPIYAIQNHLCECGIAGEVIQGPFQAAVKNVAANQLVDRIDVRLGDGLSV
IQPEDVIDNITICGMGGPLIAKILKDGQDKLSQHPRLILQSNIQTENLRQTLQQLNYEIIDEIIMEEKGHIYEIVVAEYS
TELIELSSDELKFGPKLLNNKNEYFIKKWQRELEALYHIKSKLNTEQHHQRLAQINDEIAVIERVL
;
_entity_poly.pdbx_strand_id   A
#
# COMPACT_ATOMS: atom_id res chain seq x y z
N GLY A 1 -5.41 14.20 -19.10
CA GLY A 1 -6.23 13.59 -20.17
C GLY A 1 -7.71 13.72 -19.85
N MET A 2 -8.39 12.59 -19.56
CA MET A 2 -9.87 12.53 -19.35
C MET A 2 -10.18 12.17 -17.89
N ILE A 3 -9.53 11.16 -17.29
CA ILE A 3 -10.01 10.54 -16.02
C ILE A 3 -9.65 11.44 -14.84
N SER A 4 -10.55 11.63 -13.86
CA SER A 4 -10.28 12.33 -12.58
CA SER A 4 -10.21 12.31 -12.60
C SER A 4 -10.05 11.31 -11.44
N LEU A 5 -8.91 11.36 -10.76
CA LEU A 5 -8.63 10.43 -9.64
C LEU A 5 -8.89 11.12 -8.33
N ASN A 6 -9.30 10.35 -7.34
CA ASN A 6 -9.29 10.75 -5.93
C ASN A 6 -7.88 11.16 -5.50
N ASN A 7 -7.82 11.88 -4.38
CA ASN A 7 -6.58 12.52 -3.91
C ASN A 7 -5.61 11.40 -3.45
N ARG A 8 -6.18 10.35 -2.88
CA ARG A 8 -5.42 9.16 -2.41
C ARG A 8 -4.60 8.56 -3.56
N LEU A 9 -5.23 8.30 -4.70
CA LEU A 9 -4.52 7.68 -5.85
C LEU A 9 -3.75 8.76 -6.61
N THR A 10 -4.23 10.01 -6.61
CA THR A 10 -3.42 11.05 -7.27
C THR A 10 -2.08 11.19 -6.53
N THR A 11 -2.11 11.09 -5.21
CA THR A 11 -0.87 11.17 -4.39
C THR A 11 0.08 10.01 -4.77
N VAL A 12 -0.44 8.81 -4.84
CA VAL A 12 0.32 7.63 -5.34
C VAL A 12 0.96 7.97 -6.68
N SER A 13 0.21 8.55 -7.62
CA SER A 13 0.70 8.80 -8.99
C SER A 13 1.96 9.67 -8.97
N ARG A 14 2.10 10.56 -7.99
CA ARG A 14 3.23 11.50 -7.98
C ARG A 14 4.55 10.78 -7.72
N PHE A 15 4.50 9.54 -7.26
CA PHE A 15 5.72 8.74 -7.01
C PHE A 15 6.08 7.83 -8.19
N LEU A 16 5.31 7.85 -9.27
CA LEU A 16 5.57 6.91 -10.39
C LEU A 16 6.82 7.39 -11.12
N LYS A 17 7.76 6.46 -11.36
CA LYS A 17 8.85 6.65 -12.33
C LYS A 17 8.33 6.44 -13.76
N GLN A 18 9.02 7.00 -14.74
CA GLN A 18 8.68 6.79 -16.16
C GLN A 18 8.87 5.32 -16.52
N GLY A 19 8.13 4.90 -17.53
CA GLY A 19 8.18 3.51 -18.02
C GLY A 19 6.87 2.81 -17.81
N THR A 20 6.90 1.70 -17.10
CA THR A 20 5.72 0.81 -16.96
C THR A 20 5.23 0.79 -15.52
N ILE A 21 3.91 0.89 -15.36
CA ILE A 21 3.24 0.67 -14.07
C ILE A 21 2.52 -0.68 -14.11
N ALA A 22 2.71 -1.48 -13.07
CA ALA A 22 1.89 -2.67 -12.80
C ALA A 22 1.05 -2.38 -11.56
N ASP A 23 -0.25 -2.27 -11.74
CA ASP A 23 -1.17 -1.93 -10.63
C ASP A 23 -1.88 -3.22 -10.23
N ILE A 24 -1.67 -3.67 -9.01
CA ILE A 24 -2.20 -4.97 -8.51
C ILE A 24 -3.51 -4.75 -7.77
N GLY A 25 -4.58 -5.45 -8.12
CA GLY A 25 -5.92 -5.15 -7.59
C GLY A 25 -6.31 -3.78 -8.04
N SER A 26 -6.21 -3.54 -9.33
CA SER A 26 -6.35 -2.20 -9.93
C SER A 26 -7.81 -1.74 -9.79
N ASP A 27 -7.96 -0.43 -9.60
CA ASP A 27 -9.24 0.31 -9.46
C ASP A 27 -9.93 0.38 -10.83
N HIS A 28 -10.35 -0.73 -11.45
CA HIS A 28 -10.96 -0.65 -12.81
C HIS A 28 -9.93 -0.07 -13.81
N ALA A 29 -8.64 -0.23 -13.53
CA ALA A 29 -7.51 0.31 -14.31
C ALA A 29 -7.46 1.83 -14.27
N TYR A 30 -8.15 2.51 -13.34
CA TYR A 30 -8.19 3.99 -13.45
CA TYR A 30 -8.20 4.01 -13.30
C TYR A 30 -6.79 4.59 -13.16
N LEU A 31 -6.01 4.01 -12.22
CA LEU A 31 -4.66 4.54 -11.96
C LEU A 31 -3.76 4.36 -13.21
N PRO A 32 -3.64 3.15 -13.83
CA PRO A 32 -2.85 3.07 -15.05
C PRO A 32 -3.33 3.98 -16.18
N ILE A 33 -4.65 4.10 -16.35
CA ILE A 33 -5.20 5.01 -17.39
C ILE A 33 -4.70 6.43 -17.11
N TYR A 34 -4.93 6.90 -15.88
CA TYR A 34 -4.53 8.26 -15.46
C TYR A 34 -3.03 8.43 -15.73
N ALA A 35 -2.23 7.44 -15.35
CA ALA A 35 -0.75 7.54 -15.47
C ALA A 35 -0.34 7.75 -16.93
N ILE A 36 -1.02 7.07 -17.84
CA ILE A 36 -0.68 7.17 -19.28
C ILE A 36 -1.24 8.48 -19.82
N GLN A 37 -2.49 8.81 -19.51
CA GLN A 37 -3.11 10.08 -19.98
C GLN A 37 -2.27 11.28 -19.54
N ASN A 38 -1.60 11.20 -18.40
CA ASN A 38 -0.83 12.35 -17.85
C ASN A 38 0.68 12.21 -18.12
N HIS A 39 1.11 11.21 -18.89
CA HIS A 39 2.51 11.05 -19.35
C HIS A 39 3.43 10.75 -18.17
N LEU A 40 2.92 10.12 -17.12
CA LEU A 40 3.75 9.63 -15.98
C LEU A 40 4.39 8.29 -16.38
N CYS A 41 3.65 7.45 -17.07
CA CYS A 41 4.10 6.12 -17.57
C CYS A 41 3.67 5.95 -19.02
N GLU A 42 4.33 5.07 -19.79
CA GLU A 42 3.92 4.87 -21.22
C GLU A 42 3.16 3.57 -21.41
N CYS A 43 3.24 2.67 -20.43
CA CYS A 43 2.62 1.33 -20.51
C CYS A 43 2.10 0.93 -19.15
N GLY A 44 1.11 0.06 -19.14
CA GLY A 44 0.53 -0.42 -17.90
C GLY A 44 0.17 -1.88 -17.94
N ILE A 45 0.05 -2.41 -16.75
CA ILE A 45 -0.54 -3.74 -16.44
C ILE A 45 -1.53 -3.50 -15.33
N ALA A 46 -2.76 -3.96 -15.52
CA ALA A 46 -3.80 -3.88 -14.48
C ALA A 46 -4.13 -5.32 -14.08
N GLY A 47 -3.78 -5.70 -12.87
CA GLY A 47 -4.10 -7.03 -12.31
C GLY A 47 -5.38 -7.04 -11.55
N GLU A 48 -6.22 -8.02 -11.81
CA GLU A 48 -7.50 -8.19 -11.08
C GLU A 48 -7.62 -9.66 -10.67
N VAL A 49 -8.13 -9.94 -9.50
CA VAL A 49 -8.22 -11.33 -8.96
C VAL A 49 -9.56 -11.96 -9.33
N ILE A 50 -10.61 -11.21 -9.62
CA ILE A 50 -11.95 -11.78 -9.94
C ILE A 50 -12.54 -11.13 -11.19
N GLN A 51 -13.51 -11.80 -11.79
CA GLN A 51 -13.98 -11.56 -13.18
C GLN A 51 -14.63 -10.17 -13.28
N GLY A 52 -15.44 -9.78 -12.30
CA GLY A 52 -16.18 -8.50 -12.36
C GLY A 52 -15.24 -7.30 -12.54
N PRO A 53 -14.28 -7.11 -11.62
CA PRO A 53 -13.28 -6.06 -11.80
C PRO A 53 -12.41 -6.19 -13.06
N PHE A 54 -12.06 -7.42 -13.40
CA PHE A 54 -11.33 -7.75 -14.66
C PHE A 54 -12.10 -7.17 -15.86
N GLN A 55 -13.38 -7.52 -16.00
CA GLN A 55 -14.18 -7.06 -17.17
C GLN A 55 -14.35 -5.55 -17.13
N ALA A 56 -14.52 -4.96 -15.95
CA ALA A 56 -14.69 -3.50 -15.81
C ALA A 56 -13.40 -2.81 -16.28
N ALA A 57 -12.25 -3.35 -15.89
CA ALA A 57 -10.93 -2.83 -16.32
C ALA A 57 -10.81 -2.93 -17.84
N VAL A 58 -11.10 -4.10 -18.42
CA VAL A 58 -11.03 -4.24 -19.90
C VAL A 58 -11.93 -3.16 -20.56
N LYS A 59 -13.16 -3.00 -20.08
CA LYS A 59 -14.11 -2.03 -20.66
C LYS A 59 -13.50 -0.63 -20.58
N ASN A 60 -12.96 -0.27 -19.43
CA ASN A 60 -12.48 1.11 -19.20
CA ASN A 60 -12.48 1.11 -19.21
C ASN A 60 -11.24 1.37 -20.08
N VAL A 61 -10.38 0.38 -20.20
CA VAL A 61 -9.19 0.59 -21.07
C VAL A 61 -9.65 0.83 -22.51
N ALA A 62 -10.61 0.04 -22.98
CA ALA A 62 -11.17 0.18 -24.34
C ALA A 62 -11.78 1.57 -24.51
N ALA A 63 -12.57 1.99 -23.54
CA ALA A 63 -13.33 3.25 -23.62
C ALA A 63 -12.35 4.43 -23.70
N ASN A 64 -11.16 4.27 -23.14
CA ASN A 64 -10.12 5.33 -23.11
C ASN A 64 -9.14 5.15 -24.27
N GLN A 65 -9.38 4.22 -25.18
CA GLN A 65 -8.55 3.95 -26.40
CA GLN A 65 -8.54 3.98 -26.39
C GLN A 65 -7.10 3.65 -25.98
N LEU A 66 -6.94 2.79 -24.98
CA LEU A 66 -5.60 2.43 -24.45
C LEU A 66 -5.36 0.91 -24.49
N VAL A 67 -6.07 0.20 -25.37
CA VAL A 67 -5.95 -1.28 -25.50
C VAL A 67 -4.49 -1.66 -25.80
N ASP A 68 -3.77 -0.88 -26.62
CA ASP A 68 -2.38 -1.26 -27.04
CA ASP A 68 -2.38 -1.17 -27.06
C ASP A 68 -1.37 -0.79 -25.97
N ARG A 69 -1.82 -0.16 -24.88
CA ARG A 69 -0.90 0.41 -23.87
C ARG A 69 -1.12 -0.14 -22.47
N ILE A 70 -2.28 -0.70 -22.16
CA ILE A 70 -2.54 -1.32 -20.83
C ILE A 70 -3.05 -2.73 -21.03
N ASP A 71 -2.30 -3.67 -20.45
CA ASP A 71 -2.64 -5.10 -20.47
C ASP A 71 -3.43 -5.40 -19.20
N VAL A 72 -4.65 -5.87 -19.34
CA VAL A 72 -5.49 -6.23 -18.18
C VAL A 72 -5.41 -7.75 -17.99
N ARG A 73 -5.07 -8.16 -16.78
CA ARG A 73 -4.71 -9.57 -16.46
C ARG A 73 -5.49 -10.06 -15.26
N LEU A 74 -5.93 -11.31 -15.32
CA LEU A 74 -6.66 -12.00 -14.24
C LEU A 74 -5.69 -12.86 -13.46
N GLY A 75 -5.49 -12.55 -12.19
CA GLY A 75 -4.71 -13.48 -11.35
C GLY A 75 -4.53 -12.89 -9.98
N ASP A 76 -4.03 -13.69 -9.06
CA ASP A 76 -3.92 -13.34 -7.63
C ASP A 76 -2.60 -12.59 -7.40
N GLY A 77 -2.67 -11.35 -6.94
CA GLY A 77 -1.47 -10.64 -6.49
C GLY A 77 -0.43 -10.53 -7.61
N LEU A 78 0.83 -10.87 -7.34
CA LEU A 78 1.91 -10.70 -8.34
C LEU A 78 1.95 -11.90 -9.31
N SER A 79 1.00 -12.82 -9.24
CA SER A 79 0.94 -13.96 -10.20
CA SER A 79 0.84 -13.95 -10.20
C SER A 79 0.72 -13.41 -11.62
N VAL A 80 0.15 -12.21 -11.75
CA VAL A 80 -0.11 -11.59 -13.08
C VAL A 80 1.21 -11.22 -13.74
N ILE A 81 2.30 -11.08 -12.97
CA ILE A 81 3.60 -10.61 -13.52
C ILE A 81 4.24 -11.77 -14.29
N GLN A 82 4.57 -11.53 -15.54
CA GLN A 82 5.14 -12.51 -16.50
C GLN A 82 6.63 -12.28 -16.64
N PRO A 83 7.41 -13.30 -17.02
CA PRO A 83 8.87 -13.18 -17.01
C PRO A 83 9.38 -12.12 -17.99
N GLU A 84 8.66 -11.86 -19.08
CA GLU A 84 9.12 -10.90 -20.11
C GLU A 84 8.78 -9.46 -19.68
N ASP A 85 7.94 -9.25 -18.66
CA ASP A 85 7.55 -7.87 -18.25
C ASP A 85 8.77 -7.05 -17.83
N VAL A 86 8.83 -5.80 -18.26
CA VAL A 86 9.79 -4.82 -17.74
C VAL A 86 8.98 -3.80 -16.95
N ILE A 87 9.17 -3.84 -15.64
CA ILE A 87 8.25 -3.10 -14.73
C ILE A 87 9.07 -2.07 -13.94
N ASP A 88 8.68 -0.80 -14.03
CA ASP A 88 9.41 0.28 -13.32
C ASP A 88 8.74 0.60 -11.97
N ASN A 89 7.46 0.32 -11.86
CA ASN A 89 6.67 0.62 -10.63
C ASN A 89 5.67 -0.52 -10.44
N ILE A 90 5.56 -1.03 -9.22
CA ILE A 90 4.40 -1.82 -8.78
C ILE A 90 3.63 -0.95 -7.79
N THR A 91 2.35 -0.81 -8.07
CA THR A 91 1.41 -0.08 -7.20
C THR A 91 0.43 -1.09 -6.60
N ILE A 92 0.24 -1.03 -5.28
CA ILE A 92 -0.76 -1.87 -4.58
C ILE A 92 -1.47 -0.93 -3.59
N CYS A 93 -2.73 -0.66 -3.91
CA CYS A 93 -3.46 0.43 -3.19
C CYS A 93 -4.80 -0.07 -2.73
N GLY A 94 -5.34 0.60 -1.70
CA GLY A 94 -6.73 0.39 -1.26
C GLY A 94 -6.92 -0.97 -0.63
N MET A 95 -5.88 -1.44 0.06
CA MET A 95 -5.90 -2.73 0.77
C MET A 95 -5.36 -2.53 2.19
N GLY A 96 -5.64 -3.46 3.08
CA GLY A 96 -4.99 -3.49 4.38
C GLY A 96 -3.50 -3.85 4.26
N GLY A 97 -2.69 -3.36 5.19
CA GLY A 97 -1.24 -3.67 5.21
C GLY A 97 -1.01 -5.18 5.23
N PRO A 98 -1.78 -5.99 5.99
CA PRO A 98 -1.47 -7.42 5.99
C PRO A 98 -1.66 -8.03 4.60
N LEU A 99 -2.68 -7.64 3.85
CA LEU A 99 -2.93 -8.23 2.49
C LEU A 99 -1.81 -7.80 1.55
N ILE A 100 -1.32 -6.59 1.64
CA ILE A 100 -0.28 -6.06 0.69
C ILE A 100 0.99 -6.83 1.05
N ALA A 101 1.24 -7.05 2.33
CA ALA A 101 2.39 -7.84 2.81
C ALA A 101 2.32 -9.24 2.24
N LYS A 102 1.17 -9.90 2.32
N LYS A 102 1.17 -9.89 2.33
CA LYS A 102 1.05 -11.30 1.84
CA LYS A 102 0.99 -11.28 1.84
C LYS A 102 1.28 -11.30 0.32
C LYS A 102 1.28 -11.28 0.34
N ILE A 103 0.75 -10.34 -0.42
CA ILE A 103 0.93 -10.30 -1.89
C ILE A 103 2.43 -10.21 -2.18
N LEU A 104 3.15 -9.33 -1.50
CA LEU A 104 4.58 -9.12 -1.81
C LEU A 104 5.37 -10.37 -1.38
N LYS A 105 5.10 -10.93 -0.21
CA LYS A 105 5.89 -12.09 0.32
C LYS A 105 5.60 -13.27 -0.61
N ASP A 106 4.32 -13.61 -0.81
CA ASP A 106 3.96 -14.77 -1.68
C ASP A 106 4.49 -14.55 -3.09
N GLY A 107 4.64 -13.34 -3.57
CA GLY A 107 5.08 -13.05 -4.94
C GLY A 107 6.51 -12.56 -5.02
N GLN A 108 7.33 -12.86 -4.00
CA GLN A 108 8.67 -12.24 -3.88
C GLN A 108 9.56 -12.58 -5.07
N ASP A 109 9.28 -13.70 -5.71
CA ASP A 109 10.11 -14.14 -6.87
CA ASP A 109 10.12 -14.13 -6.86
C ASP A 109 9.84 -13.23 -8.09
N LYS A 110 8.74 -12.47 -8.07
CA LYS A 110 8.39 -11.55 -9.18
C LYS A 110 9.11 -10.20 -9.05
N LEU A 111 9.92 -9.98 -8.01
CA LEU A 111 10.55 -8.67 -7.73
C LEU A 111 12.00 -8.64 -8.21
N SER A 112 12.43 -9.59 -9.02
CA SER A 112 13.88 -9.73 -9.31
C SER A 112 14.45 -8.53 -10.07
N GLN A 113 13.65 -7.80 -10.84
CA GLN A 113 14.18 -6.60 -11.55
CA GLN A 113 14.08 -6.57 -11.58
C GLN A 113 14.12 -5.36 -10.64
N HIS A 114 13.72 -5.51 -9.38
CA HIS A 114 13.84 -4.45 -8.36
C HIS A 114 13.04 -3.18 -8.70
N PRO A 115 11.75 -3.33 -9.05
CA PRO A 115 10.92 -2.14 -9.28
C PRO A 115 10.75 -1.29 -8.02
N ARG A 116 10.46 0.00 -8.23
CA ARG A 116 9.92 0.87 -7.16
C ARG A 116 8.55 0.33 -6.76
N LEU A 117 8.35 0.19 -5.47
CA LEU A 117 7.01 -0.16 -4.89
C LEU A 117 6.32 1.08 -4.32
N ILE A 118 5.08 1.27 -4.73
CA ILE A 118 4.26 2.37 -4.13
C ILE A 118 3.03 1.69 -3.57
N LEU A 119 2.97 1.62 -2.23
CA LEU A 119 1.95 0.84 -1.51
CA LEU A 119 1.94 0.85 -1.51
C LEU A 119 1.03 1.80 -0.78
N GLN A 120 -0.27 1.63 -0.94
CA GLN A 120 -1.18 2.51 -0.14
C GLN A 120 -2.03 1.60 0.74
N SER A 121 -1.73 1.66 2.03
CA SER A 121 -2.30 0.80 3.08
CA SER A 121 -2.28 0.80 3.10
C SER A 121 -3.42 1.53 3.83
N ASN A 122 -4.51 0.82 4.06
CA ASN A 122 -5.71 1.37 4.74
C ASN A 122 -5.57 1.19 6.25
N ILE A 123 -4.84 0.19 6.69
CA ILE A 123 -4.81 -0.25 8.11
C ILE A 123 -3.58 -1.13 8.33
N GLN A 124 -3.08 -1.09 9.55
CA GLN A 124 -2.07 -2.05 10.04
C GLN A 124 -0.90 -2.08 9.05
N THR A 125 -0.30 -0.93 8.80
CA THR A 125 0.79 -0.80 7.83
C THR A 125 2.02 -1.51 8.38
N GLU A 126 2.10 -1.75 9.68
CA GLU A 126 3.27 -2.41 10.31
C GLU A 126 3.60 -3.72 9.59
N ASN A 127 2.58 -4.51 9.24
CA ASN A 127 2.84 -5.83 8.60
C ASN A 127 3.58 -5.62 7.28
N LEU A 128 3.18 -4.64 6.49
CA LEU A 128 3.82 -4.31 5.21
C LEU A 128 5.29 -3.91 5.44
N ARG A 129 5.56 -3.08 6.42
CA ARG A 129 6.95 -2.61 6.63
C ARG A 129 7.82 -3.80 7.01
N GLN A 130 7.29 -4.73 7.80
CA GLN A 130 7.99 -5.99 8.24
CA GLN A 130 8.06 -5.94 8.24
C GLN A 130 8.37 -6.75 6.97
N THR A 131 7.40 -6.90 6.08
CA THR A 131 7.64 -7.66 4.82
C THR A 131 8.64 -6.91 3.95
N LEU A 132 8.56 -5.61 3.77
CA LEU A 132 9.51 -4.87 2.92
C LEU A 132 10.92 -5.09 3.46
N GLN A 133 11.07 -5.08 4.77
CA GLN A 133 12.37 -5.30 5.43
C GLN A 133 12.90 -6.68 5.02
N GLN A 134 12.03 -7.67 5.05
CA GLN A 134 12.43 -9.07 4.76
C GLN A 134 12.81 -9.18 3.30
N LEU A 135 12.30 -8.38 2.40
CA LEU A 135 12.56 -8.44 0.94
C LEU A 135 13.69 -7.52 0.48
N ASN A 136 14.51 -6.99 1.37
CA ASN A 136 15.63 -6.10 0.99
C ASN A 136 15.08 -4.80 0.37
N TYR A 137 13.87 -4.41 0.77
CA TYR A 137 13.35 -3.08 0.36
C TYR A 137 13.52 -2.07 1.52
N GLU A 138 13.71 -0.86 1.06
CA GLU A 138 14.03 0.34 1.87
C GLU A 138 12.96 1.40 1.62
N ILE A 139 12.35 1.88 2.70
CA ILE A 139 11.31 2.93 2.59
C ILE A 139 12.03 4.25 2.32
N ILE A 140 11.72 4.88 1.19
CA ILE A 140 12.37 6.13 0.74
C ILE A 140 11.43 7.33 0.95
N ASP A 141 10.12 7.13 1.08
CA ASP A 141 9.16 8.22 1.34
CA ASP A 141 9.12 8.22 1.28
C ASP A 141 7.89 7.61 1.94
N GLU A 142 7.19 8.40 2.74
CA GLU A 142 5.88 8.01 3.27
C GLU A 142 5.02 9.27 3.30
N ILE A 143 3.75 9.08 3.00
CA ILE A 143 2.74 10.17 3.13
C ILE A 143 1.65 9.63 4.03
N ILE A 144 1.08 10.51 4.88
CA ILE A 144 -0.14 10.17 5.66
C ILE A 144 -1.14 11.28 5.45
N MET A 145 -2.30 10.93 4.92
CA MET A 145 -3.27 11.92 4.42
CA MET A 145 -3.27 11.91 4.44
C MET A 145 -4.68 11.41 4.73
N GLU A 146 -5.64 12.29 4.51
CA GLU A 146 -7.02 11.98 4.91
C GLU A 146 -7.91 12.26 3.67
N GLU A 147 -8.89 11.37 3.48
CA GLU A 147 -9.98 11.60 2.50
C GLU A 147 -11.29 10.99 3.00
N LYS A 148 -12.41 11.72 2.79
CA LYS A 148 -13.76 11.32 3.31
C LYS A 148 -13.58 10.70 4.76
N GLY A 149 -12.81 11.53 5.60
CA GLY A 149 -12.66 11.24 7.05
C GLY A 149 -11.80 10.01 7.38
N HIS A 150 -11.24 9.29 6.35
CA HIS A 150 -10.40 8.08 6.58
C HIS A 150 -8.93 8.44 6.37
N ILE A 151 -8.04 8.05 7.29
CA ILE A 151 -6.61 8.42 7.17
C ILE A 151 -5.88 7.27 6.48
N TYR A 152 -5.16 7.58 5.41
CA TYR A 152 -4.43 6.57 4.59
C TYR A 152 -2.95 6.82 4.70
N GLU A 153 -2.15 5.75 4.48
CA GLU A 153 -0.69 5.86 4.43
C GLU A 153 -0.24 5.38 3.05
N ILE A 154 0.72 6.11 2.51
CA ILE A 154 1.43 5.74 1.25
CA ILE A 154 1.42 5.70 1.27
C ILE A 154 2.88 5.49 1.65
N VAL A 155 3.39 4.31 1.28
CA VAL A 155 4.78 3.88 1.55
C VAL A 155 5.45 3.69 0.20
N VAL A 156 6.54 4.37 -0.01
CA VAL A 156 7.37 4.25 -1.25
C VAL A 156 8.66 3.56 -0.86
N ALA A 157 8.98 2.50 -1.61
CA ALA A 157 10.16 1.66 -1.28
C ALA A 157 10.94 1.28 -2.55
N GLU A 158 12.24 1.19 -2.34
CA GLU A 158 13.15 0.74 -3.42
C GLU A 158 14.08 -0.30 -2.84
N TYR A 159 14.59 -1.12 -3.74
CA TYR A 159 15.49 -2.23 -3.43
C TYR A 159 16.80 -1.69 -2.85
N SER A 160 17.32 -2.42 -1.88
CA SER A 160 18.65 -2.19 -1.28
C SER A 160 19.48 -3.47 -1.39
N THR A 161 20.77 -3.32 -1.70
CA THR A 161 21.68 -4.49 -1.76
C THR A 161 21.98 -5.02 -0.36
N GLU A 162 21.62 -4.32 0.71
CA GLU A 162 21.67 -4.87 2.09
C GLU A 162 20.30 -4.67 2.75
N LEU A 163 19.90 -5.61 3.58
CA LEU A 163 18.64 -5.54 4.34
C LEU A 163 18.74 -4.36 5.29
N ILE A 164 17.67 -3.58 5.33
CA ILE A 164 17.61 -2.33 6.14
C ILE A 164 16.73 -2.59 7.36
N GLU A 165 17.33 -2.64 8.55
CA GLU A 165 16.61 -3.05 9.79
C GLU A 165 15.87 -1.83 10.33
N LEU A 166 14.60 -2.01 10.57
CA LEU A 166 13.79 -0.95 11.23
C LEU A 166 13.50 -1.33 12.67
N SER A 167 13.40 -0.33 13.54
CA SER A 167 13.04 -0.56 14.96
C SER A 167 11.55 -0.89 15.06
N SER A 168 11.11 -1.35 16.24
CA SER A 168 9.68 -1.63 16.50
CA SER A 168 9.69 -1.61 16.52
C SER A 168 8.87 -0.35 16.22
N ASP A 169 9.32 0.80 16.69
CA ASP A 169 8.58 2.08 16.47
C ASP A 169 8.52 2.39 14.97
N GLU A 170 9.65 2.26 14.29
CA GLU A 170 9.72 2.54 12.84
C GLU A 170 8.75 1.62 12.09
N LEU A 171 8.75 0.33 12.43
CA LEU A 171 7.83 -0.62 11.74
C LEU A 171 6.38 -0.20 11.97
N LYS A 172 6.06 0.22 13.20
CA LYS A 172 4.64 0.45 13.52
C LYS A 172 4.17 1.79 12.95
N PHE A 173 4.98 2.82 13.09
CA PHE A 173 4.58 4.23 12.86
C PHE A 173 5.13 4.76 11.54
N GLY A 174 6.19 4.13 11.00
CA GLY A 174 6.79 4.61 9.76
C GLY A 174 8.07 5.41 10.00
N PRO A 175 9.22 4.98 9.40
CA PRO A 175 10.47 5.68 9.68
C PRO A 175 10.49 7.13 9.17
N LYS A 176 9.75 7.43 8.11
CA LYS A 176 9.59 8.84 7.65
C LYS A 176 8.47 9.52 8.45
N LEU A 177 7.36 8.84 8.69
CA LEU A 177 6.19 9.51 9.32
C LEU A 177 6.56 9.87 10.76
N LEU A 178 7.37 9.05 11.41
CA LEU A 178 7.71 9.29 12.84
CA LEU A 178 7.79 9.27 12.82
C LEU A 178 8.49 10.61 12.97
N ASN A 179 9.24 11.00 11.94
CA ASN A 179 10.19 12.15 12.03
C ASN A 179 9.49 13.41 11.53
N ASN A 180 8.21 13.31 11.16
CA ASN A 180 7.43 14.42 10.55
C ASN A 180 5.95 14.26 10.93
N LYS A 181 5.68 14.16 12.24
CA LYS A 181 4.35 13.82 12.85
C LYS A 181 3.32 14.93 12.58
N ASN A 182 2.73 14.91 11.39
CA ASN A 182 1.72 15.91 10.95
C ASN A 182 0.37 15.64 11.62
N GLU A 183 -0.59 16.54 11.39
CA GLU A 183 -1.92 16.46 12.05
C GLU A 183 -2.61 15.11 11.79
N TYR A 184 -2.37 14.48 10.65
CA TYR A 184 -3.03 13.20 10.24
C TYR A 184 -2.40 12.01 10.96
N PHE A 185 -1.12 12.12 11.26
CA PHE A 185 -0.39 11.14 12.10
C PHE A 185 -0.98 11.17 13.52
N ILE A 186 -1.14 12.38 14.06
CA ILE A 186 -1.68 12.53 15.45
C ILE A 186 -3.12 11.99 15.50
N LYS A 187 -3.96 12.43 14.52
CA LYS A 187 -5.38 12.01 14.38
CA LYS A 187 -5.38 12.01 14.47
C LYS A 187 -5.46 10.49 14.31
N LYS A 188 -4.63 9.90 13.45
CA LYS A 188 -4.70 8.43 13.26
C LYS A 188 -4.44 7.72 14.58
N TRP A 189 -3.37 8.09 15.25
CA TRP A 189 -2.90 7.33 16.45
C TRP A 189 -3.73 7.70 17.69
N GLN A 190 -4.30 8.92 17.80
CA GLN A 190 -5.31 9.24 18.83
C GLN A 190 -6.56 8.38 18.61
N ARG A 191 -6.99 8.22 17.36
CA ARG A 191 -8.18 7.37 17.05
C ARG A 191 -7.87 5.93 17.47
N GLU A 192 -6.69 5.44 17.13
CA GLU A 192 -6.32 4.06 17.51
C GLU A 192 -6.35 3.93 19.04
N LEU A 193 -5.78 4.89 19.75
CA LEU A 193 -5.85 4.87 21.23
C LEU A 193 -7.30 4.75 21.68
N GLU A 194 -8.17 5.60 21.15
CA GLU A 194 -9.61 5.59 21.55
C GLU A 194 -10.16 4.17 21.29
N ALA A 195 -9.84 3.57 20.15
CA ALA A 195 -10.37 2.24 19.77
C ALA A 195 -9.85 1.20 20.77
N LEU A 196 -8.61 1.33 21.22
CA LEU A 196 -7.99 0.31 22.10
C LEU A 196 -8.59 0.45 23.51
N TYR A 197 -8.76 1.68 23.99
CA TYR A 197 -9.43 1.88 25.28
C TYR A 197 -10.89 1.42 25.17
N HIS A 198 -11.53 1.62 24.04
CA HIS A 198 -12.93 1.14 23.87
C HIS A 198 -13.00 -0.38 23.95
N ILE A 199 -12.09 -1.11 23.32
CA ILE A 199 -12.02 -2.61 23.50
C ILE A 199 -11.94 -2.98 24.99
N LYS A 200 -11.17 -2.22 25.79
CA LYS A 200 -11.03 -2.51 27.22
C LYS A 200 -12.36 -2.32 27.95
N SER A 201 -13.31 -1.57 27.38
CA SER A 201 -14.67 -1.41 27.95
C SER A 201 -15.52 -2.66 27.73
N LYS A 202 -15.03 -3.60 26.90
CA LYS A 202 -15.88 -4.75 26.48
C LYS A 202 -15.29 -6.08 26.96
N LEU A 203 -14.04 -6.08 27.43
CA LEU A 203 -13.29 -7.28 27.87
C LEU A 203 -13.13 -7.32 29.39
N ASN A 204 -13.63 -8.37 30.04
CA ASN A 204 -13.43 -8.64 31.48
C ASN A 204 -11.96 -8.95 31.72
N THR A 205 -11.29 -8.32 32.68
CA THR A 205 -9.83 -8.50 32.91
C THR A 205 -9.58 -9.88 33.52
N GLU A 206 -10.60 -10.52 34.10
CA GLU A 206 -10.45 -11.91 34.65
C GLU A 206 -10.37 -12.94 33.52
N GLN A 207 -10.88 -12.61 32.32
CA GLN A 207 -11.14 -13.61 31.23
C GLN A 207 -10.26 -13.37 30.01
N HIS A 208 -9.56 -12.24 29.85
CA HIS A 208 -8.88 -11.96 28.55
C HIS A 208 -7.42 -11.52 28.76
N HIS A 209 -6.68 -12.20 29.62
CA HIS A 209 -5.29 -11.82 30.01
CA HIS A 209 -5.31 -11.80 30.01
C HIS A 209 -4.41 -11.62 28.78
N GLN A 210 -4.45 -12.56 27.83
CA GLN A 210 -3.52 -12.54 26.66
C GLN A 210 -3.83 -11.30 25.81
N ARG A 211 -5.07 -11.19 25.35
CA ARG A 211 -5.49 -10.09 24.47
CA ARG A 211 -5.44 -10.09 24.42
C ARG A 211 -5.26 -8.75 25.17
N LEU A 212 -5.56 -8.70 26.46
CA LEU A 212 -5.44 -7.40 27.19
C LEU A 212 -3.96 -7.05 27.35
N ALA A 213 -3.07 -8.04 27.48
CA ALA A 213 -1.62 -7.76 27.58
C ALA A 213 -1.15 -7.14 26.26
N GLN A 214 -1.62 -7.63 25.12
CA GLN A 214 -1.24 -7.09 23.79
C GLN A 214 -1.80 -5.67 23.66
N ILE A 215 -3.05 -5.46 24.10
CA ILE A 215 -3.74 -4.15 23.91
C ILE A 215 -3.01 -3.15 24.81
N ASN A 216 -2.70 -3.53 26.04
CA ASN A 216 -2.08 -2.59 27.01
C ASN A 216 -0.68 -2.24 26.56
N ASP A 217 0.04 -3.19 25.98
CA ASP A 217 1.39 -2.90 25.43
CA ASP A 217 1.39 -2.86 25.45
C ASP A 217 1.24 -1.90 24.27
N GLU A 218 0.29 -2.14 23.36
CA GLU A 218 0.09 -1.24 22.19
C GLU A 218 -0.24 0.19 22.67
N ILE A 219 -1.13 0.30 23.64
CA ILE A 219 -1.50 1.62 24.24
C ILE A 219 -0.23 2.29 24.77
N ALA A 220 0.61 1.56 25.49
CA ALA A 220 1.80 2.13 26.12
C ALA A 220 2.73 2.65 25.02
N VAL A 221 2.91 1.85 23.97
CA VAL A 221 3.75 2.28 22.83
C VAL A 221 3.18 3.60 22.27
N ILE A 222 1.91 3.62 21.93
CA ILE A 222 1.31 4.85 21.30
C ILE A 222 1.41 6.04 22.26
N GLU A 223 1.12 5.81 23.54
CA GLU A 223 1.15 6.94 24.52
C GLU A 223 2.57 7.51 24.61
N ARG A 224 3.60 6.67 24.43
CA ARG A 224 5.01 7.14 24.52
C ARG A 224 5.28 8.03 23.30
N VAL A 225 4.85 7.60 22.12
CA VAL A 225 5.24 8.22 20.83
C VAL A 225 4.42 9.50 20.61
N LEU A 226 3.15 9.52 20.98
CA LEU A 226 2.32 10.76 21.01
C LEU A 226 2.82 11.71 22.11
#